data_6H0X
#
_entry.id   6H0X
#
_cell.length_a   71.882
_cell.length_b   71.882
_cell.length_c   150.946
_cell.angle_alpha   90.000
_cell.angle_beta   90.000
_cell.angle_gamma   90.000
#
_symmetry.space_group_name_H-M   'P 43 21 2'
#
loop_
_entity.id
_entity.type
_entity.pdbx_description
1 polymer 'Lysine-specific demethylase 4D'
2 non-polymer 'ZINC ION'
3 non-polymer 'CHLORIDE ION'
4 non-polymer 1,2-ETHANEDIOL
5 non-polymer 'NICKEL (II) ION'
6 non-polymer [[(2~{R})-2-(5-phenylpentanoylamino)-2-(2~{H}-1,2,3,4-tetrazol-5-yl)ethanoyl]amino]azanium
7 water water
#
_entity_poly.entity_id   1
_entity_poly.type   'polypeptide(L)'
_entity_poly.pdbx_seq_one_letter_code
;METMKSKANCAQNPNCNIMIFHPTKEEFNDFDKYIAYMESQGAHRAGLAKIIPPKEWKARETYDNISEILIATPLQQVAS
GRAGVFTQYHKKKKAMTVGEYRHLANSKKYQTPPHQNFEDLERKYWKNRIYNSPIYGADISGSLFDENTKQWNLGHLGTI
QDLLEKECGVVIEGVNTPYLYFGMWKTTFAWHTEDMDLYSINYLHLGEPKTWYVVPPEHGQRLERLARELFPGSSRGCGA
FLRHKVALISPTVLKENGIPFNRITQEAGEFMVTFPYGYHAGFNHGFNCAEAINFATPRWIDYGKMASQCSCGEARVTFS
MDAFVRILQPERYDLWKRGQDR
;
_entity_poly.pdbx_strand_id   A
#
# COMPACT_ATOMS: atom_id res chain seq x y z
N ALA A 11 -8.03 -22.90 14.77
CA ALA A 11 -7.74 -21.91 13.73
C ALA A 11 -6.62 -20.95 14.17
N GLN A 12 -5.68 -20.68 13.26
CA GLN A 12 -4.53 -19.87 13.60
C GLN A 12 -4.86 -18.38 13.58
N ASN A 13 -4.31 -17.65 14.54
CA ASN A 13 -4.49 -16.21 14.65
C ASN A 13 -5.96 -15.80 14.59
N PRO A 14 -6.79 -16.35 15.49
CA PRO A 14 -8.24 -16.08 15.41
C PRO A 14 -8.60 -14.63 15.65
N ASN A 15 -7.82 -13.89 16.43
CA ASN A 15 -8.07 -12.48 16.68
C ASN A 15 -7.55 -11.57 15.55
N CYS A 16 -6.91 -12.13 14.52
CA CYS A 16 -6.47 -11.35 13.34
C CYS A 16 -5.44 -10.28 13.72
N ASN A 17 -4.55 -10.61 14.65
CA ASN A 17 -3.44 -9.73 14.98
C ASN A 17 -2.42 -9.66 13.85
N ILE A 18 -1.80 -8.48 13.69
CA ILE A 18 -0.67 -8.33 12.79
C ILE A 18 0.52 -9.10 13.36
N MET A 19 1.06 -10.01 12.57
CA MET A 19 2.18 -10.86 12.96
C MET A 19 3.48 -10.35 12.34
N ILE A 20 4.56 -10.58 13.07
CA ILE A 20 5.90 -10.13 12.70
C ILE A 20 6.76 -11.38 12.56
N PHE A 21 7.51 -11.48 11.46
CA PHE A 21 8.30 -12.66 11.18
C PHE A 21 9.78 -12.29 11.07
N HIS A 22 10.63 -13.22 11.53
CA HIS A 22 12.07 -13.05 11.55
C HIS A 22 12.73 -14.23 10.83
N PRO A 23 12.60 -14.30 9.51
CA PRO A 23 13.17 -15.45 8.79
C PRO A 23 14.68 -15.52 8.88
N THR A 24 15.19 -16.74 8.96
CA THR A 24 16.62 -16.96 8.86
C THR A 24 17.07 -16.76 7.42
N LYS A 25 18.38 -16.74 7.20
CA LYS A 25 18.86 -16.60 5.83
C LYS A 25 18.46 -17.80 4.99
N GLU A 26 18.35 -18.98 5.61
CA GLU A 26 17.89 -20.16 4.89
C GLU A 26 16.41 -20.05 4.51
N GLU A 27 15.59 -19.50 5.42
CA GLU A 27 14.17 -19.34 5.16
C GLU A 27 13.88 -18.22 4.17
N PHE A 28 14.84 -17.34 3.94
CA PHE A 28 14.70 -16.18 3.07
C PHE A 28 15.00 -16.51 1.61
N ASN A 29 15.24 -17.76 1.27
CA ASN A 29 15.65 -18.10 -0.08
C ASN A 29 14.48 -18.34 -1.02
N ASP A 30 13.33 -18.73 -0.51
CA ASP A 30 12.20 -19.16 -1.34
C ASP A 30 11.01 -18.29 -0.95
N PHE A 31 10.77 -17.25 -1.75
CA PHE A 31 9.74 -16.27 -1.44
C PHE A 31 8.37 -16.92 -1.31
N ASP A 32 7.96 -17.69 -2.34
CA ASP A 32 6.65 -18.32 -2.33
C ASP A 32 6.46 -19.18 -1.10
N LYS A 33 7.47 -19.99 -0.78
CA LYS A 33 7.37 -20.90 0.36
C LYS A 33 7.18 -20.13 1.66
N TYR A 34 7.82 -18.98 1.79
CA TYR A 34 7.71 -18.27 3.07
C TYR A 34 6.36 -17.56 3.19
N ILE A 35 5.83 -17.01 2.09
CA ILE A 35 4.48 -16.48 2.13
C ILE A 35 3.52 -17.57 2.59
N ALA A 36 3.66 -18.77 2.01
CA ALA A 36 2.84 -19.90 2.40
C ALA A 36 3.01 -20.21 3.89
N TYR A 37 4.25 -20.16 4.37
CA TYR A 37 4.48 -20.43 5.78
C TYR A 37 3.75 -19.41 6.64
N MET A 38 3.88 -18.13 6.31
N MET A 38 3.88 -18.12 6.31
CA MET A 38 3.22 -17.09 7.10
CA MET A 38 3.21 -17.09 7.10
C MET A 38 1.72 -17.32 7.15
C MET A 38 1.71 -17.34 7.16
N GLU A 39 1.12 -17.73 6.04
CA GLU A 39 -0.32 -18.00 6.03
CA GLU A 39 -0.31 -18.01 6.03
C GLU A 39 -0.65 -19.26 6.83
N SER A 40 0.24 -20.26 6.85
CA SER A 40 -0.01 -21.42 7.70
C SER A 40 -0.09 -21.03 9.17
N GLN A 41 0.52 -19.91 9.55
CA GLN A 41 0.45 -19.41 10.92
C GLN A 41 -0.67 -18.40 11.11
N GLY A 42 -1.46 -18.16 10.08
CA GLY A 42 -2.59 -17.27 10.15
C GLY A 42 -2.32 -15.81 9.86
N ALA A 43 -1.17 -15.50 9.28
CA ALA A 43 -0.78 -14.09 9.14
C ALA A 43 -1.79 -13.33 8.29
N HIS A 44 -2.33 -13.97 7.26
CA HIS A 44 -3.21 -13.26 6.33
C HIS A 44 -4.49 -12.78 7.00
N ARG A 45 -4.89 -13.39 8.12
CA ARG A 45 -6.14 -12.97 8.75
C ARG A 45 -6.10 -11.52 9.19
N ALA A 46 -4.91 -11.00 9.50
CA ALA A 46 -4.78 -9.59 9.86
C ALA A 46 -4.91 -8.66 8.66
N GLY A 47 -4.58 -9.15 7.46
CA GLY A 47 -4.51 -8.32 6.29
C GLY A 47 -3.14 -7.74 5.98
N LEU A 48 -2.20 -7.83 6.94
CA LEU A 48 -0.91 -7.16 6.90
C LEU A 48 0.03 -7.93 7.82
N ALA A 49 1.27 -8.14 7.36
CA ALA A 49 2.31 -8.80 8.13
C ALA A 49 3.60 -8.02 7.94
N LYS A 50 4.44 -8.00 8.98
CA LYS A 50 5.78 -7.44 8.93
C LYS A 50 6.80 -8.57 8.83
N ILE A 51 7.79 -8.39 7.94
CA ILE A 51 8.89 -9.32 7.80
C ILE A 51 10.19 -8.55 7.99
N ILE A 52 10.96 -8.95 8.99
CA ILE A 52 12.26 -8.35 9.29
C ILE A 52 13.32 -9.26 8.67
N PRO A 53 14.10 -8.77 7.71
CA PRO A 53 15.03 -9.67 7.00
C PRO A 53 16.15 -10.12 7.91
N PRO A 54 16.77 -11.27 7.63
CA PRO A 54 17.92 -11.71 8.43
C PRO A 54 19.05 -10.71 8.40
N LYS A 55 19.87 -10.73 9.45
CA LYS A 55 20.94 -9.74 9.58
C LYS A 55 21.93 -9.83 8.44
N GLU A 56 22.05 -10.99 7.80
CA GLU A 56 23.02 -11.18 6.72
C GLU A 56 22.59 -10.51 5.42
N TRP A 57 21.38 -9.99 5.34
CA TRP A 57 20.78 -9.54 4.08
C TRP A 57 20.85 -8.02 3.95
N LYS A 58 20.99 -7.56 2.70
CA LYS A 58 20.89 -6.12 2.41
C LYS A 58 20.29 -5.93 1.02
N ALA A 59 19.50 -4.86 0.89
CA ALA A 59 18.85 -4.60 -0.40
C ALA A 59 19.83 -4.02 -1.41
N ARG A 60 20.67 -3.08 -0.97
CA ARG A 60 21.75 -2.52 -1.77
C ARG A 60 22.82 -2.05 -0.79
N GLU A 61 23.99 -1.74 -1.33
CA GLU A 61 25.11 -1.33 -0.51
C GLU A 61 24.91 0.03 0.11
N THR A 62 24.58 1.02 -0.71
CA THR A 62 24.46 2.37 -0.24
C THR A 62 23.31 3.08 -0.94
N TYR A 63 22.76 4.08 -0.24
CA TYR A 63 21.78 4.99 -0.82
C TYR A 63 22.38 6.37 -1.11
N ASP A 64 23.70 6.44 -1.29
CA ASP A 64 24.36 7.72 -1.47
C ASP A 64 24.19 8.29 -2.86
N ASN A 65 23.67 7.51 -3.82
CA ASN A 65 23.65 7.93 -5.22
C ASN A 65 22.24 7.98 -5.80
N ILE A 66 21.24 8.32 -4.98
CA ILE A 66 19.86 8.31 -5.45
C ILE A 66 19.30 9.70 -5.72
N SER A 67 20.10 10.76 -5.54
CA SER A 67 19.57 12.11 -5.59
C SER A 67 19.12 12.54 -6.98
N GLU A 68 19.59 11.88 -8.03
CA GLU A 68 19.26 12.28 -9.40
C GLU A 68 18.03 11.57 -9.96
N ILE A 69 17.46 10.61 -9.25
CA ILE A 69 16.16 10.09 -9.65
C ILE A 69 15.19 11.26 -9.81
N LEU A 70 14.37 11.21 -10.85
CA LEU A 70 13.37 12.25 -11.06
C LEU A 70 12.00 11.80 -10.58
N ILE A 71 11.35 12.67 -9.82
CA ILE A 71 9.92 12.57 -9.50
C ILE A 71 9.22 13.40 -10.57
N ALA A 72 8.71 12.73 -11.60
CA ALA A 72 8.19 13.46 -12.75
C ALA A 72 6.94 14.26 -12.42
N THR A 73 6.10 13.75 -11.53
CA THR A 73 4.83 14.39 -11.19
C THR A 73 4.60 14.31 -9.70
N PRO A 74 5.30 15.14 -8.93
CA PRO A 74 4.99 15.23 -7.50
C PRO A 74 3.55 15.65 -7.30
N LEU A 75 2.95 15.14 -6.22
CA LEU A 75 1.54 15.33 -5.91
C LEU A 75 1.37 16.04 -4.58
N GLN A 76 0.74 17.20 -4.61
CA GLN A 76 0.37 17.92 -3.41
C GLN A 76 -1.00 17.44 -2.94
N GLN A 77 -1.03 16.84 -1.74
CA GLN A 77 -2.23 16.17 -1.22
C GLN A 77 -3.06 17.15 -0.40
N VAL A 78 -4.07 17.75 -1.05
CA VAL A 78 -4.93 18.75 -0.42
C VAL A 78 -6.17 18.06 0.15
N ALA A 79 -6.44 18.26 1.43
CA ALA A 79 -7.58 17.61 2.07
C ALA A 79 -8.82 18.49 2.10
N SER A 80 -9.99 17.84 2.13
CA SER A 80 -11.27 18.49 2.35
C SER A 80 -12.07 17.61 3.33
N GLY A 81 -12.74 18.22 4.31
N GLY A 81 -12.77 18.25 4.26
CA GLY A 81 -13.58 17.48 5.22
CA GLY A 81 -13.52 17.53 5.26
C GLY A 81 -13.45 17.83 6.68
C GLY A 81 -13.01 17.76 6.66
N ARG A 82 -13.33 16.81 7.54
N ARG A 82 -13.37 16.83 7.54
CA ARG A 82 -13.06 17.00 8.95
CA ARG A 82 -13.07 16.94 8.96
C ARG A 82 -11.85 16.15 9.33
C ARG A 82 -11.79 16.19 9.30
N ALA A 83 -11.30 16.42 10.52
CA ALA A 83 -10.00 15.88 10.89
C ALA A 83 -9.95 14.36 10.78
N GLY A 84 -11.02 13.70 11.20
CA GLY A 84 -11.07 12.25 11.18
C GLY A 84 -11.79 11.64 10.00
N VAL A 85 -12.41 12.44 9.12
CA VAL A 85 -13.14 11.94 7.96
C VAL A 85 -12.94 12.93 6.82
N PHE A 86 -12.04 12.63 5.89
CA PHE A 86 -11.70 13.59 4.86
C PHE A 86 -11.32 12.87 3.57
N THR A 87 -11.34 13.62 2.48
CA THR A 87 -10.79 13.15 1.23
C THR A 87 -9.58 14.00 0.86
N GLN A 88 -8.73 13.46 0.00
CA GLN A 88 -7.59 14.23 -0.46
C GLN A 88 -7.56 14.21 -1.97
N TYR A 89 -7.24 15.35 -2.56
CA TYR A 89 -7.05 15.56 -3.99
CA TYR A 89 -7.02 15.35 -3.99
C TYR A 89 -5.56 15.66 -4.25
N HIS A 90 -5.06 15.05 -5.32
CA HIS A 90 -3.65 15.02 -5.62
C HIS A 90 -3.37 16.05 -6.72
N LYS A 91 -2.85 17.20 -6.31
CA LYS A 91 -2.59 18.30 -7.22
C LYS A 91 -1.19 18.15 -7.82
N LYS A 92 -1.13 18.13 -9.16
CA LYS A 92 0.16 17.89 -9.83
C LYS A 92 1.06 19.12 -9.70
N LYS A 93 2.33 18.86 -9.41
CA LYS A 93 3.36 19.87 -9.29
C LYS A 93 4.43 19.67 -10.34
N LYS A 94 5.31 20.66 -10.43
CA LYS A 94 6.47 20.59 -11.29
C LYS A 94 7.40 19.44 -10.88
N ALA A 95 8.03 18.84 -11.87
CA ALA A 95 8.99 17.78 -11.63
C ALA A 95 10.14 18.25 -10.74
N MET A 96 10.66 17.33 -9.94
CA MET A 96 11.85 17.62 -9.15
C MET A 96 12.63 16.32 -8.91
N THR A 97 13.91 16.48 -8.63
CA THR A 97 14.73 15.32 -8.33
C THR A 97 14.49 14.86 -6.89
N VAL A 98 14.93 13.65 -6.61
CA VAL A 98 14.85 13.15 -5.23
C VAL A 98 15.68 14.03 -4.30
N GLY A 99 16.83 14.53 -4.77
CA GLY A 99 17.60 15.45 -3.95
C GLY A 99 16.83 16.71 -3.59
N GLU A 100 16.16 17.30 -4.58
CA GLU A 100 15.32 18.48 -4.33
C GLU A 100 14.17 18.15 -3.40
N TYR A 101 13.54 16.99 -3.60
CA TYR A 101 12.43 16.56 -2.75
C TYR A 101 12.85 16.39 -1.31
N ARG A 102 14.01 15.75 -1.09
CA ARG A 102 14.52 15.55 0.27
C ARG A 102 14.76 16.89 0.96
N HIS A 103 15.36 17.85 0.26
CA HIS A 103 15.54 19.17 0.83
C HIS A 103 14.20 19.79 1.20
N LEU A 104 13.19 19.64 0.33
CA LEU A 104 11.88 20.22 0.62
C LEU A 104 11.24 19.54 1.83
N ALA A 105 11.34 18.22 1.90
CA ALA A 105 10.76 17.49 3.04
C ALA A 105 11.36 17.95 4.35
N ASN A 106 12.64 18.29 4.36
CA ASN A 106 13.34 18.69 5.57
C ASN A 106 13.20 20.17 5.87
N SER A 107 12.55 20.93 5.00
CA SER A 107 12.41 22.36 5.20
C SER A 107 11.44 22.62 6.33
N LYS A 108 11.46 23.85 6.83
CA LYS A 108 10.66 24.18 8.01
C LYS A 108 9.17 23.97 7.73
N LYS A 109 8.72 24.26 6.51
CA LYS A 109 7.30 24.09 6.18
C LYS A 109 6.86 22.63 6.27
N TYR A 110 7.73 21.68 5.95
CA TYR A 110 7.30 20.31 5.79
C TYR A 110 7.92 19.31 6.76
N GLN A 111 8.88 19.73 7.57
CA GLN A 111 9.62 18.77 8.38
CA GLN A 111 9.62 18.77 8.38
C GLN A 111 8.75 18.22 9.52
N THR A 112 9.07 17.01 9.92
CA THR A 112 8.44 16.37 11.06
C THR A 112 8.56 17.26 12.29
N PRO A 113 7.49 17.41 13.08
CA PRO A 113 7.59 18.20 14.32
C PRO A 113 8.22 17.40 15.43
N PRO A 114 8.70 18.07 16.48
CA PRO A 114 9.16 17.32 17.66
C PRO A 114 8.04 16.44 18.21
N HIS A 115 8.42 15.28 18.72
CA HIS A 115 7.46 14.32 19.25
C HIS A 115 8.18 13.30 20.14
N GLN A 116 7.41 12.69 21.05
CA GLN A 116 7.96 11.83 22.09
C GLN A 116 8.12 10.38 21.67
N ASN A 117 7.27 9.92 20.75
CA ASN A 117 7.23 8.52 20.33
C ASN A 117 6.22 8.37 19.19
N PHE A 118 6.06 7.16 18.68
CA PHE A 118 5.17 6.97 17.52
C PHE A 118 3.74 7.37 17.86
N GLU A 119 3.28 7.08 19.10
CA GLU A 119 1.93 7.40 19.53
CA GLU A 119 1.91 7.40 19.46
C GLU A 119 1.67 8.90 19.48
N ASP A 120 2.62 9.68 20.00
CA ASP A 120 2.48 11.13 20.00
C ASP A 120 2.40 11.66 18.57
N LEU A 121 3.27 11.16 17.68
CA LEU A 121 3.22 11.61 16.30
C LEU A 121 1.89 11.22 15.65
N GLU A 122 1.36 10.03 15.97
CA GLU A 122 0.07 9.60 15.44
C GLU A 122 -1.03 10.55 15.87
N ARG A 123 -0.99 11.02 17.12
CA ARG A 123 -2.00 11.98 17.57
C ARG A 123 -1.91 13.27 16.79
N LYS A 124 -0.69 13.79 16.62
CA LYS A 124 -0.46 14.99 15.85
C LYS A 124 -0.96 14.82 14.42
N TYR A 125 -0.69 13.65 13.82
CA TYR A 125 -1.11 13.41 12.45
C TYR A 125 -2.62 13.60 12.32
N TRP A 126 -3.39 12.85 13.12
CA TRP A 126 -4.84 12.88 12.94
C TRP A 126 -5.43 14.19 13.42
N LYS A 127 -4.77 14.89 14.34
CA LYS A 127 -5.26 16.20 14.77
C LYS A 127 -5.09 17.24 13.67
N ASN A 128 -3.95 17.23 12.96
CA ASN A 128 -3.53 18.34 12.14
C ASN A 128 -3.43 18.05 10.64
N ARG A 129 -3.59 16.79 10.22
CA ARG A 129 -3.31 16.46 8.82
C ARG A 129 -4.03 17.39 7.85
N ILE A 130 -5.32 17.65 8.09
CA ILE A 130 -6.11 18.32 7.06
C ILE A 130 -5.70 19.77 6.84
N TYR A 131 -4.92 20.35 7.75
CA TYR A 131 -4.53 21.75 7.67
C TYR A 131 -3.23 21.96 6.92
N ASN A 132 -2.67 20.91 6.34
CA ASN A 132 -1.43 20.98 5.56
C ASN A 132 -1.64 20.22 4.27
C ASN A 132 -1.54 20.11 4.32
N SER A 133 -0.74 20.42 3.32
CA SER A 133 -0.78 19.70 2.04
CA SER A 133 -0.78 19.71 2.04
C SER A 133 0.63 19.25 1.68
N PRO A 134 1.05 18.11 2.22
CA PRO A 134 2.40 17.58 1.91
C PRO A 134 2.49 17.12 0.46
N ILE A 135 3.73 16.96 0.00
CA ILE A 135 3.99 16.58 -1.38
C ILE A 135 4.55 15.15 -1.42
N TYR A 136 4.03 14.35 -2.35
CA TYR A 136 4.17 12.90 -2.38
C TYR A 136 4.65 12.47 -3.75
N GLY A 137 5.64 11.59 -3.80
CA GLY A 137 6.02 10.91 -5.02
C GLY A 137 5.47 9.50 -5.02
N ALA A 138 4.64 9.18 -6.01
CA ALA A 138 3.90 7.93 -5.98
C ALA A 138 4.02 7.16 -7.29
N ASP A 139 4.07 5.83 -7.16
CA ASP A 139 3.96 4.91 -8.28
C ASP A 139 4.95 5.25 -9.39
N ILE A 140 6.21 5.44 -8.98
CA ILE A 140 7.29 5.74 -9.91
C ILE A 140 7.93 4.42 -10.34
N SER A 141 7.76 4.04 -11.60
CA SER A 141 8.33 2.78 -12.07
C SER A 141 9.84 2.77 -11.89
N GLY A 142 10.35 1.76 -11.20
CA GLY A 142 11.76 1.69 -10.91
C GLY A 142 12.04 0.77 -9.72
N SER A 143 13.33 0.60 -9.45
CA SER A 143 13.77 -0.25 -8.34
C SER A 143 15.08 0.29 -7.77
N LEU A 144 15.27 0.08 -6.47
CA LEU A 144 16.53 0.36 -5.81
C LEU A 144 17.22 -0.89 -5.29
N PHE A 145 16.72 -2.08 -5.62
CA PHE A 145 17.41 -3.31 -5.28
C PHE A 145 18.58 -3.52 -6.21
N ASP A 146 19.73 -3.81 -5.61
CA ASP A 146 20.91 -4.28 -6.35
C ASP A 146 20.59 -5.54 -7.15
N GLU A 147 21.07 -5.54 -8.41
CA GLU A 147 21.01 -6.73 -9.25
C GLU A 147 21.46 -7.96 -8.52
N ASN A 148 22.48 -7.84 -7.70
CA ASN A 148 23.11 -8.96 -7.04
C ASN A 148 22.40 -9.39 -5.78
N THR A 149 21.37 -8.65 -5.34
CA THR A 149 20.53 -9.08 -4.23
C THR A 149 19.56 -10.14 -4.75
N LYS A 150 19.75 -11.37 -4.30
CA LYS A 150 19.05 -12.53 -4.86
C LYS A 150 17.83 -12.94 -4.07
N GLN A 151 17.72 -12.51 -2.82
CA GLN A 151 16.60 -12.88 -1.95
CA GLN A 151 16.59 -12.88 -1.97
C GLN A 151 15.68 -11.68 -1.80
N TRP A 152 14.38 -11.88 -2.02
CA TRP A 152 13.36 -10.86 -1.75
C TRP A 152 13.67 -9.56 -2.50
N ASN A 153 14.12 -9.70 -3.73
CA ASN A 153 14.37 -8.57 -4.63
C ASN A 153 13.07 -8.30 -5.37
N LEU A 154 12.42 -7.17 -5.06
CA LEU A 154 11.08 -6.92 -5.59
C LEU A 154 11.06 -6.72 -7.09
N GLY A 155 12.21 -6.59 -7.74
CA GLY A 155 12.29 -6.55 -9.19
C GLY A 155 12.46 -7.90 -9.83
N HIS A 156 12.60 -8.97 -9.03
CA HIS A 156 12.84 -10.31 -9.55
C HIS A 156 11.84 -11.33 -8.99
N LEU A 157 10.65 -10.90 -8.59
CA LEU A 157 9.68 -11.89 -8.18
C LEU A 157 9.01 -12.47 -9.43
N GLY A 158 8.30 -13.57 -9.24
CA GLY A 158 7.53 -14.14 -10.32
C GLY A 158 6.35 -13.24 -10.63
N THR A 159 6.03 -13.12 -11.93
CA THR A 159 4.99 -12.20 -12.33
C THR A 159 3.61 -12.78 -12.09
N ILE A 160 2.64 -11.88 -11.94
CA ILE A 160 1.26 -12.29 -11.78
CA ILE A 160 1.26 -12.29 -11.77
C ILE A 160 0.75 -12.96 -13.05
N GLN A 161 1.20 -12.48 -14.21
CA GLN A 161 0.79 -13.09 -15.45
C GLN A 161 1.25 -14.55 -15.48
N ASP A 162 2.45 -14.82 -14.98
CA ASP A 162 2.93 -16.20 -14.94
C ASP A 162 2.16 -17.02 -13.90
N LEU A 163 1.75 -16.39 -12.79
CA LEU A 163 0.94 -17.10 -11.80
C LEU A 163 -0.40 -17.50 -12.40
N LEU A 164 -1.08 -16.57 -13.07
CA LEU A 164 -2.37 -16.90 -13.68
C LEU A 164 -2.21 -18.03 -14.70
N GLU A 165 -1.15 -17.99 -15.51
CA GLU A 165 -0.90 -19.06 -16.47
C GLU A 165 -0.66 -20.39 -15.78
N LYS A 166 0.14 -20.38 -14.70
CA LYS A 166 0.42 -21.61 -13.97
C LYS A 166 -0.85 -22.21 -13.36
N GLU A 167 -1.75 -21.35 -12.85
CA GLU A 167 -2.90 -21.85 -12.12
C GLU A 167 -4.06 -22.21 -13.04
N CYS A 168 -4.26 -21.41 -14.09
CA CYS A 168 -5.47 -21.51 -14.90
C CYS A 168 -5.22 -21.95 -16.32
N GLY A 169 -3.97 -21.95 -16.78
CA GLY A 169 -3.58 -22.60 -18.01
C GLY A 169 -3.45 -21.74 -19.24
N VAL A 170 -3.73 -20.46 -19.16
CA VAL A 170 -3.68 -19.62 -20.36
C VAL A 170 -2.67 -18.49 -20.18
N VAL A 171 -1.88 -18.27 -21.23
CA VAL A 171 -0.96 -17.14 -21.29
C VAL A 171 -1.76 -15.86 -21.50
N ILE A 172 -1.34 -14.79 -20.81
CA ILE A 172 -1.88 -13.48 -21.08
C ILE A 172 -0.74 -12.50 -21.24
N GLU A 173 -1.04 -11.40 -21.93
CA GLU A 173 -0.12 -10.29 -22.09
C GLU A 173 0.06 -9.58 -20.75
N GLY A 174 1.08 -8.74 -20.68
CA GLY A 174 1.27 -7.84 -19.55
C GLY A 174 2.59 -8.15 -18.81
N VAL A 175 3.03 -7.13 -18.07
CA VAL A 175 4.21 -7.20 -17.22
C VAL A 175 3.85 -6.71 -15.82
N ASN A 176 4.82 -6.76 -14.94
CA ASN A 176 4.57 -6.68 -13.50
C ASN A 176 5.88 -6.16 -12.91
N THR A 177 6.01 -4.83 -12.80
CA THR A 177 7.25 -4.22 -12.36
C THR A 177 7.08 -3.39 -11.09
N PRO A 178 8.15 -3.18 -10.33
CA PRO A 178 8.02 -2.49 -9.05
C PRO A 178 7.92 -0.97 -9.20
N TYR A 179 7.51 -0.34 -8.10
CA TYR A 179 7.28 1.09 -8.03
C TYR A 179 8.02 1.68 -6.84
N LEU A 180 8.45 2.93 -6.99
CA LEU A 180 9.06 3.69 -5.92
C LEU A 180 8.11 4.76 -5.43
N TYR A 181 8.23 5.07 -4.14
CA TYR A 181 7.43 6.06 -3.42
C TYR A 181 8.37 6.94 -2.60
N PHE A 182 8.22 8.24 -2.71
CA PHE A 182 8.98 9.20 -1.91
C PHE A 182 8.01 9.97 -1.04
N GLY A 183 8.26 9.94 0.26
CA GLY A 183 7.33 10.47 1.22
C GLY A 183 7.96 11.56 2.07
N MET A 184 7.10 12.36 2.70
CA MET A 184 7.49 13.31 3.73
C MET A 184 6.43 13.24 4.83
N TRP A 185 6.64 14.01 5.90
CA TRP A 185 5.68 14.06 7.00
C TRP A 185 4.28 14.36 6.48
N LYS A 186 3.32 13.58 6.99
CA LYS A 186 1.91 13.67 6.68
C LYS A 186 1.49 13.17 5.30
N THR A 187 2.44 12.82 4.43
CA THR A 187 2.00 12.21 3.18
C THR A 187 1.16 10.97 3.53
N THR A 188 0.11 10.75 2.77
CA THR A 188 -1.00 9.91 3.17
C THR A 188 -1.38 8.93 2.07
N PHE A 189 -1.62 7.67 2.43
CA PHE A 189 -2.27 6.76 1.50
C PHE A 189 -3.64 6.37 2.02
N ALA A 190 -4.65 6.61 1.18
CA ALA A 190 -6.05 6.43 1.51
C ALA A 190 -6.40 4.95 1.64
N TRP A 191 -7.56 4.70 2.26
CA TRP A 191 -8.04 3.35 2.44
C TRP A 191 -8.24 2.67 1.10
N HIS A 192 -7.65 1.48 0.94
CA HIS A 192 -7.79 0.76 -0.32
C HIS A 192 -7.39 -0.69 -0.11
N THR A 193 -7.88 -1.54 -1.02
CA THR A 193 -7.23 -2.80 -1.30
C THR A 193 -6.43 -2.65 -2.59
N GLU A 194 -5.60 -3.64 -2.89
CA GLU A 194 -4.83 -3.58 -4.12
C GLU A 194 -5.74 -3.84 -5.32
N ASP A 195 -5.26 -3.41 -6.50
CA ASP A 195 -5.95 -3.73 -7.75
C ASP A 195 -6.24 -5.23 -7.80
N MET A 196 -7.48 -5.56 -8.17
CA MET A 196 -7.93 -6.95 -8.27
C MET A 196 -7.72 -7.73 -6.97
N ASP A 197 -7.65 -7.00 -5.84
CA ASP A 197 -7.41 -7.56 -4.51
C ASP A 197 -6.16 -8.44 -4.47
N LEU A 198 -5.11 -8.01 -5.17
CA LEU A 198 -3.84 -8.70 -5.14
C LEU A 198 -3.14 -8.52 -3.80
N TYR A 199 -2.12 -9.36 -3.56
CA TYR A 199 -1.18 -9.07 -2.50
C TYR A 199 -0.33 -7.85 -2.90
N SER A 200 0.30 -7.23 -1.90
CA SER A 200 1.39 -6.29 -2.17
C SER A 200 2.50 -6.57 -1.17
N ILE A 201 3.72 -6.19 -1.55
CA ILE A 201 4.87 -6.23 -0.66
C ILE A 201 5.56 -4.88 -0.80
N ASN A 202 5.94 -4.33 0.36
CA ASN A 202 6.48 -2.98 0.48
C ASN A 202 7.76 -3.05 1.30
N TYR A 203 8.86 -2.59 0.72
CA TYR A 203 10.13 -2.45 1.42
C TYR A 203 10.43 -0.98 1.68
N LEU A 204 10.72 -0.64 2.93
CA LEU A 204 11.10 0.73 3.29
C LEU A 204 12.61 0.84 3.18
N HIS A 205 13.06 1.47 2.09
CA HIS A 205 14.48 1.49 1.78
C HIS A 205 15.26 2.37 2.73
N LEU A 206 14.73 3.54 3.05
CA LEU A 206 15.52 4.63 3.60
C LEU A 206 14.59 5.61 4.30
N GLY A 207 15.04 6.10 5.45
CA GLY A 207 14.39 7.25 6.06
C GLY A 207 13.46 6.97 7.21
N GLU A 208 12.48 7.85 7.38
CA GLU A 208 11.61 7.82 8.54
C GLU A 208 10.47 6.81 8.36
N PRO A 209 9.80 6.45 9.46
CA PRO A 209 8.85 5.34 9.39
C PRO A 209 7.59 5.67 8.60
N LYS A 210 6.80 4.60 8.44
CA LYS A 210 5.47 4.64 7.85
C LYS A 210 4.54 3.90 8.79
N THR A 211 3.48 4.57 9.23
CA THR A 211 2.47 3.90 10.07
C THR A 211 1.34 3.40 9.17
N TRP A 212 0.95 2.14 9.38
CA TRP A 212 -0.11 1.46 8.64
C TRP A 212 -1.31 1.16 9.54
N TYR A 213 -2.50 1.25 8.94
CA TYR A 213 -3.76 0.75 9.50
C TYR A 213 -4.31 -0.32 8.57
N VAL A 214 -4.88 -1.39 9.12
CA VAL A 214 -5.38 -2.48 8.27
C VAL A 214 -6.62 -3.10 8.88
N VAL A 215 -7.57 -3.45 8.01
CA VAL A 215 -8.78 -4.18 8.39
C VAL A 215 -8.64 -5.64 7.97
N PRO A 216 -8.91 -6.61 8.85
CA PRO A 216 -8.87 -8.02 8.44
C PRO A 216 -9.71 -8.25 7.20
N PRO A 217 -9.21 -9.04 6.25
CA PRO A 217 -10.02 -9.33 5.05
C PRO A 217 -11.41 -9.86 5.35
N GLU A 218 -11.58 -10.64 6.42
CA GLU A 218 -12.91 -11.19 6.70
C GLU A 218 -13.90 -10.13 7.16
N HIS A 219 -13.43 -8.93 7.50
CA HIS A 219 -14.29 -7.83 7.92
C HIS A 219 -14.24 -6.67 6.93
N GLY A 220 -13.73 -6.89 5.73
CA GLY A 220 -13.59 -5.79 4.79
C GLY A 220 -14.89 -5.08 4.46
N GLN A 221 -15.98 -5.85 4.38
CA GLN A 221 -17.27 -5.24 4.04
C GLN A 221 -17.76 -4.29 5.12
N ARG A 222 -17.33 -4.51 6.37
CA ARG A 222 -17.65 -3.57 7.44
C ARG A 222 -17.07 -2.19 7.17
N LEU A 223 -15.82 -2.15 6.69
CA LEU A 223 -15.22 -0.87 6.35
C LEU A 223 -15.96 -0.24 5.17
N GLU A 224 -16.27 -1.04 4.15
CA GLU A 224 -16.97 -0.52 2.99
C GLU A 224 -18.30 0.12 3.39
N ARG A 225 -19.04 -0.54 4.28
CA ARG A 225 -20.32 0.01 4.69
C ARG A 225 -20.13 1.33 5.41
N LEU A 226 -19.17 1.41 6.32
CA LEU A 226 -18.92 2.67 7.00
C LEU A 226 -18.54 3.75 6.00
N ALA A 227 -17.70 3.39 5.03
CA ALA A 227 -17.26 4.38 4.05
C ALA A 227 -18.44 4.94 3.26
N ARG A 228 -19.39 4.07 2.89
CA ARG A 228 -20.57 4.56 2.19
C ARG A 228 -21.37 5.52 3.05
N GLU A 229 -21.46 5.25 4.35
CA GLU A 229 -22.16 6.15 5.25
C GLU A 229 -21.43 7.48 5.40
N LEU A 230 -20.10 7.45 5.42
CA LEU A 230 -19.32 8.64 5.72
C LEU A 230 -19.05 9.50 4.48
N PHE A 231 -19.15 8.94 3.29
CA PHE A 231 -18.91 9.68 2.05
C PHE A 231 -20.10 9.42 1.12
N PRO A 232 -21.28 9.93 1.47
CA PRO A 232 -22.47 9.48 0.73
C PRO A 232 -22.53 9.96 -0.70
N GLY A 233 -22.07 11.17 -0.98
CA GLY A 233 -22.02 11.62 -2.37
C GLY A 233 -21.12 10.73 -3.20
N SER A 234 -19.91 10.47 -2.71
CA SER A 234 -19.00 9.59 -3.42
C SER A 234 -19.61 8.22 -3.65
N SER A 235 -20.34 7.72 -2.65
CA SER A 235 -20.93 6.39 -2.74
C SER A 235 -22.02 6.33 -3.81
N ARG A 236 -22.79 7.40 -3.96
CA ARG A 236 -23.81 7.43 -5.01
C ARG A 236 -23.18 7.52 -6.39
N GLY A 237 -21.97 8.08 -6.49
CA GLY A 237 -21.31 8.19 -7.77
C GLY A 237 -20.65 6.91 -8.25
N CYS A 238 -20.27 6.02 -7.34
CA CYS A 238 -19.55 4.82 -7.75
C CYS A 238 -19.70 3.73 -6.70
N GLY A 239 -20.12 2.55 -7.13
CA GLY A 239 -20.27 1.43 -6.21
C GLY A 239 -18.98 0.91 -5.64
N ALA A 240 -17.83 1.38 -6.13
CA ALA A 240 -16.53 0.92 -5.67
C ALA A 240 -15.59 2.13 -5.51
N PHE A 241 -16.08 3.18 -4.85
CA PHE A 241 -15.36 4.44 -4.85
C PHE A 241 -14.09 4.39 -4.01
N LEU A 242 -13.91 3.39 -3.16
CA LEU A 242 -12.63 3.27 -2.47
C LEU A 242 -11.51 2.94 -3.46
N ARG A 243 -11.85 2.35 -4.63
CA ARG A 243 -10.93 2.21 -5.74
C ARG A 243 -10.37 3.55 -6.22
N HIS A 244 -11.04 4.67 -5.90
CA HIS A 244 -10.48 5.97 -6.25
C HIS A 244 -9.28 6.34 -5.37
N LYS A 245 -9.13 5.71 -4.20
CA LYS A 245 -7.97 5.93 -3.32
C LYS A 245 -7.83 7.40 -2.89
N VAL A 246 -8.91 7.96 -2.35
CA VAL A 246 -8.85 9.33 -1.87
C VAL A 246 -9.52 9.52 -0.52
N ALA A 247 -10.08 8.46 0.07
CA ALA A 247 -10.86 8.60 1.29
C ALA A 247 -10.08 8.17 2.54
N LEU A 248 -10.11 9.00 3.58
CA LEU A 248 -9.47 8.72 4.86
C LEU A 248 -10.49 8.72 5.99
N ILE A 249 -10.30 7.75 6.90
CA ILE A 249 -11.08 7.57 8.12
C ILE A 249 -10.09 7.25 9.24
N SER A 250 -10.20 7.96 10.35
CA SER A 250 -9.21 7.88 11.42
C SER A 250 -9.44 6.65 12.29
N PRO A 251 -8.43 6.22 13.04
CA PRO A 251 -8.64 5.10 13.97
C PRO A 251 -9.70 5.40 15.01
N THR A 252 -9.80 6.67 15.46
CA THR A 252 -10.82 7.02 16.43
C THR A 252 -12.21 6.80 15.87
N VAL A 253 -12.45 7.22 14.62
CA VAL A 253 -13.75 7.04 14.00
C VAL A 253 -14.02 5.56 13.73
N LEU A 254 -13.01 4.81 13.29
CA LEU A 254 -13.19 3.37 13.15
C LEU A 254 -13.62 2.73 14.46
N LYS A 255 -12.91 3.05 15.54
CA LYS A 255 -13.25 2.50 16.85
C LYS A 255 -14.66 2.90 17.27
N GLU A 256 -15.01 4.18 17.08
CA GLU A 256 -16.35 4.65 17.41
C GLU A 256 -17.42 3.81 16.75
N ASN A 257 -17.15 3.32 15.55
CA ASN A 257 -18.10 2.57 14.75
C ASN A 257 -17.88 1.07 14.81
N GLY A 258 -17.01 0.60 15.70
CA GLY A 258 -16.81 -0.80 15.93
C GLY A 258 -16.15 -1.56 14.79
N ILE A 259 -15.38 -0.89 13.95
CA ILE A 259 -14.72 -1.58 12.84
C ILE A 259 -13.48 -2.29 13.36
N PRO A 260 -13.32 -3.59 13.13
CA PRO A 260 -12.07 -4.25 13.51
CA PRO A 260 -12.06 -4.25 13.52
C PRO A 260 -10.91 -3.72 12.68
N PHE A 261 -9.85 -3.33 13.35
CA PHE A 261 -8.63 -2.91 12.65
C PHE A 261 -7.43 -3.07 13.57
N ASN A 262 -6.26 -2.95 12.96
CA ASN A 262 -5.00 -2.97 13.69
C ASN A 262 -4.09 -1.92 13.10
N ARG A 263 -3.03 -1.59 13.82
CA ARG A 263 -2.06 -0.63 13.35
C ARG A 263 -0.65 -1.11 13.69
N ILE A 264 0.32 -0.68 12.88
CA ILE A 264 1.72 -1.00 13.13
C ILE A 264 2.55 0.01 12.36
N THR A 265 3.74 0.30 12.88
CA THR A 265 4.70 1.20 12.25
C THR A 265 5.84 0.39 11.67
N GLN A 266 6.14 0.67 10.40
CA GLN A 266 7.21 0.03 9.64
C GLN A 266 8.40 0.98 9.61
N GLU A 267 9.59 0.44 9.86
CA GLU A 267 10.82 1.23 9.90
C GLU A 267 11.74 0.81 8.76
N ALA A 268 12.75 1.63 8.50
CA ALA A 268 13.66 1.34 7.40
C ALA A 268 14.26 -0.05 7.56
N GLY A 269 14.36 -0.76 6.43
CA GLY A 269 14.89 -2.12 6.42
C GLY A 269 13.88 -3.21 6.65
N GLU A 270 12.59 -2.88 6.73
CA GLU A 270 11.55 -3.84 7.05
C GLU A 270 10.60 -3.97 5.86
N PHE A 271 10.15 -5.19 5.62
CA PHE A 271 9.11 -5.48 4.63
C PHE A 271 7.74 -5.52 5.30
N MET A 272 6.72 -5.08 4.56
CA MET A 272 5.32 -5.28 4.91
C MET A 272 4.68 -6.02 3.75
N VAL A 273 3.85 -7.01 4.04
CA VAL A 273 3.06 -7.70 3.03
C VAL A 273 1.59 -7.43 3.32
N THR A 274 0.86 -6.92 2.32
CA THR A 274 -0.60 -6.87 2.42
C THR A 274 -1.19 -8.06 1.68
N PHE A 275 -2.27 -8.59 2.23
CA PHE A 275 -2.90 -9.81 1.73
C PHE A 275 -4.18 -9.49 0.98
N PRO A 276 -4.63 -10.41 0.12
CA PRO A 276 -5.84 -10.17 -0.69
C PRO A 276 -7.01 -9.69 0.14
N TYR A 277 -7.60 -8.57 -0.31
CA TYR A 277 -8.77 -7.92 0.26
C TYR A 277 -8.50 -7.36 1.66
N GLY A 278 -7.23 -7.12 2.00
CA GLY A 278 -6.92 -6.41 3.23
C GLY A 278 -6.88 -4.91 3.00
N TYR A 279 -7.92 -4.20 3.44
CA TYR A 279 -7.94 -2.74 3.34
C TYR A 279 -6.85 -2.14 4.22
N HIS A 280 -6.13 -1.16 3.67
CA HIS A 280 -5.09 -0.49 4.44
C HIS A 280 -5.00 0.98 4.08
N ALA A 281 -4.41 1.73 5.00
CA ALA A 281 -4.22 3.18 4.87
C ALA A 281 -3.06 3.53 5.78
N GLY A 282 -2.53 4.74 5.66
CA GLY A 282 -1.45 5.13 6.54
C GLY A 282 -0.80 6.43 6.15
N PHE A 283 0.30 6.72 6.84
CA PHE A 283 1.02 7.96 6.64
C PHE A 283 2.50 7.78 6.94
N ASN A 284 3.29 8.67 6.35
CA ASN A 284 4.73 8.72 6.54
C ASN A 284 5.13 9.75 7.60
N HIS A 285 6.17 9.40 8.36
CA HIS A 285 6.60 10.22 9.48
C HIS A 285 7.53 11.35 9.08
N GLY A 286 8.17 11.24 7.93
CA GLY A 286 9.18 12.18 7.48
C GLY A 286 9.72 11.69 6.16
N PHE A 287 10.81 12.30 5.71
CA PHE A 287 11.36 11.89 4.43
C PHE A 287 11.66 10.39 4.43
N ASN A 288 11.16 9.68 3.42
CA ASN A 288 11.54 8.29 3.23
C ASN A 288 11.38 7.87 1.77
N CYS A 289 11.88 6.68 1.49
CA CYS A 289 11.78 6.05 0.18
C CYS A 289 11.38 4.60 0.35
N ALA A 290 10.31 4.20 -0.31
CA ALA A 290 9.84 2.83 -0.27
C ALA A 290 9.69 2.30 -1.69
N GLU A 291 9.68 0.99 -1.78
CA GLU A 291 9.50 0.28 -3.04
C GLU A 291 8.44 -0.79 -2.82
N ALA A 292 7.54 -0.95 -3.79
CA ALA A 292 6.48 -1.92 -3.64
C ALA A 292 6.09 -2.52 -4.99
N ILE A 293 5.47 -3.70 -4.91
CA ILE A 293 4.97 -4.40 -6.09
C ILE A 293 3.81 -5.28 -5.66
N ASN A 294 2.83 -5.44 -6.55
CA ASN A 294 1.82 -6.46 -6.36
C ASN A 294 2.34 -7.83 -6.78
N PHE A 295 1.81 -8.87 -6.14
CA PHE A 295 2.11 -10.24 -6.51
C PHE A 295 0.90 -11.11 -6.19
N ALA A 296 0.96 -12.36 -6.64
CA ALA A 296 -0.12 -13.32 -6.49
C ALA A 296 0.43 -14.67 -6.06
N THR A 297 -0.46 -15.47 -5.49
CA THR A 297 -0.23 -16.85 -5.09
C THR A 297 -1.42 -17.66 -5.57
N PRO A 298 -1.37 -18.98 -5.47
CA PRO A 298 -2.58 -19.74 -5.82
C PRO A 298 -3.81 -19.30 -5.04
N ARG A 299 -3.66 -18.91 -3.78
CA ARG A 299 -4.80 -18.49 -2.96
C ARG A 299 -5.41 -17.18 -3.42
N TRP A 300 -4.69 -16.37 -4.20
CA TRP A 300 -5.24 -15.11 -4.67
C TRP A 300 -6.33 -15.31 -5.71
N ILE A 301 -6.29 -16.42 -6.46
CA ILE A 301 -7.13 -16.53 -7.67
C ILE A 301 -8.59 -16.27 -7.34
N ASP A 302 -9.11 -16.89 -6.27
CA ASP A 302 -10.53 -16.73 -5.95
C ASP A 302 -10.88 -15.30 -5.53
N TYR A 303 -9.92 -14.58 -4.95
CA TYR A 303 -10.16 -13.17 -4.64
C TYR A 303 -10.22 -12.34 -5.93
N GLY A 304 -9.31 -12.59 -6.86
CA GLY A 304 -9.35 -11.89 -8.12
C GLY A 304 -10.66 -12.09 -8.85
N LYS A 305 -11.23 -13.29 -8.75
CA LYS A 305 -12.50 -13.56 -9.40
C LYS A 305 -13.62 -12.70 -8.85
N MET A 306 -13.55 -12.34 -7.57
CA MET A 306 -14.62 -11.66 -6.88
C MET A 306 -14.36 -10.17 -6.64
N ALA A 307 -13.21 -9.66 -7.06
CA ALA A 307 -12.81 -8.31 -6.72
C ALA A 307 -13.75 -7.28 -7.33
N SER A 308 -14.09 -6.27 -6.52
CA SER A 308 -14.92 -5.18 -7.01
C SER A 308 -14.16 -4.41 -8.08
N GLN A 309 -14.90 -3.75 -8.98
CA GLN A 309 -14.27 -2.89 -9.96
C GLN A 309 -14.93 -1.52 -10.00
N CYS A 310 -14.12 -0.50 -10.26
CA CYS A 310 -14.62 0.83 -10.53
C CYS A 310 -14.74 1.02 -12.03
N SER A 311 -15.90 1.48 -12.48
CA SER A 311 -16.20 1.74 -13.87
C SER A 311 -16.58 3.19 -14.13
N CYS A 312 -16.57 4.03 -13.11
CA CYS A 312 -17.14 5.36 -13.25
C CYS A 312 -16.16 6.35 -13.87
N GLY A 313 -14.89 5.96 -14.06
CA GLY A 313 -13.88 6.83 -14.63
C GLY A 313 -12.96 7.47 -13.62
N GLU A 314 -13.22 7.31 -12.32
CA GLU A 314 -12.46 7.98 -11.28
C GLU A 314 -11.37 7.09 -10.66
N ALA A 315 -11.21 5.87 -11.15
CA ALA A 315 -10.33 4.93 -10.47
C ALA A 315 -8.87 5.32 -10.62
N ARG A 316 -8.11 5.09 -9.56
CA ARG A 316 -6.65 5.20 -9.56
C ARG A 316 -6.11 3.77 -9.66
N VAL A 317 -5.62 3.37 -10.83
CA VAL A 317 -5.09 2.01 -10.98
C VAL A 317 -3.62 2.08 -11.38
N THR A 318 -2.80 1.34 -10.63
CA THR A 318 -1.34 1.42 -10.75
C THR A 318 -0.87 0.90 -12.10
N PHE A 319 -1.48 -0.17 -12.59
CA PHE A 319 -1.13 -0.72 -13.90
C PHE A 319 -2.32 -1.53 -14.42
N SER A 320 -2.24 -1.90 -15.69
CA SER A 320 -3.39 -2.43 -16.42
C SER A 320 -3.84 -3.79 -15.90
N MET A 321 -5.10 -3.86 -15.47
CA MET A 321 -5.70 -5.11 -15.04
C MET A 321 -6.58 -5.76 -16.10
N ASP A 322 -6.51 -5.30 -17.35
CA ASP A 322 -7.53 -5.70 -18.31
C ASP A 322 -7.55 -7.21 -18.51
N ALA A 323 -6.38 -7.82 -18.68
CA ALA A 323 -6.36 -9.25 -18.95
C ALA A 323 -6.86 -10.04 -17.76
N PHE A 324 -6.60 -9.57 -16.53
CA PHE A 324 -7.12 -10.23 -15.33
CA PHE A 324 -7.13 -10.29 -15.38
C PHE A 324 -8.65 -10.20 -15.31
N VAL A 325 -9.22 -9.05 -15.65
CA VAL A 325 -10.66 -8.95 -15.72
C VAL A 325 -11.19 -9.83 -16.85
N ARG A 326 -10.49 -9.81 -18.00
CA ARG A 326 -10.95 -10.56 -19.16
C ARG A 326 -11.05 -12.06 -18.86
N ILE A 327 -10.05 -12.61 -18.18
CA ILE A 327 -10.03 -14.04 -17.91
C ILE A 327 -10.82 -14.38 -16.64
N LEU A 328 -10.65 -13.60 -15.57
CA LEU A 328 -11.27 -13.98 -14.31
C LEU A 328 -12.72 -13.51 -14.20
N GLN A 329 -13.07 -12.41 -14.86
CA GLN A 329 -14.41 -11.81 -14.73
C GLN A 329 -15.01 -11.55 -16.10
N PRO A 330 -15.16 -12.59 -16.93
CA PRO A 330 -15.65 -12.35 -18.30
C PRO A 330 -16.99 -11.64 -18.38
N GLU A 331 -17.91 -11.90 -17.44
CA GLU A 331 -19.19 -11.21 -17.49
C GLU A 331 -18.98 -9.71 -17.37
N ARG A 332 -18.11 -9.29 -16.45
CA ARG A 332 -17.90 -7.88 -16.21
C ARG A 332 -17.09 -7.21 -17.31
N TYR A 333 -16.29 -8.00 -18.03
CA TYR A 333 -15.22 -7.43 -18.85
C TYR A 333 -15.70 -6.27 -19.71
N ASP A 334 -16.64 -6.54 -20.61
CA ASP A 334 -17.23 -5.52 -21.46
C ASP A 334 -17.46 -4.14 -20.82
N LEU A 335 -18.25 -4.10 -19.75
CA LEU A 335 -18.66 -2.81 -19.20
C LEU A 335 -17.57 -2.20 -18.33
N TRP A 336 -16.82 -3.03 -17.62
CA TRP A 336 -15.62 -2.55 -16.98
C TRP A 336 -14.72 -1.88 -17.99
N LYS A 337 -14.71 -2.38 -19.22
CA LYS A 337 -13.86 -1.84 -20.25
C LYS A 337 -14.42 -0.53 -20.78
N ARG A 338 -15.75 -0.42 -20.88
CA ARG A 338 -16.39 0.85 -21.20
C ARG A 338 -15.94 1.96 -20.25
N GLY A 339 -15.55 1.60 -19.03
CA GLY A 339 -15.17 2.57 -18.02
C GLY A 339 -13.72 3.00 -18.07
#